data_1HFF
#
_entry.id   1HFF
#
_cell.length_a   1.000
_cell.length_b   1.000
_cell.length_c   1.000
_cell.angle_alpha   90.00
_cell.angle_beta   90.00
_cell.angle_gamma   90.00
#
_symmetry.space_group_name_H-M   'P 1'
#
_entity_poly.entity_id   1
_entity_poly.type   'polypeptide(L)'
_entity_poly.pdbx_seq_one_letter_code
;LGASWHRPDK
;
_entity_poly.pdbx_strand_id   A
#
# COMPACT_ATOMS: atom_id res chain seq x y z
N LEU A 1 10.68 4.48 -3.74
CA LEU A 1 10.78 3.07 -4.21
C LEU A 1 10.49 2.13 -3.05
N GLY A 2 9.37 1.41 -3.16
CA GLY A 2 8.98 0.48 -2.11
C GLY A 2 8.22 -0.71 -2.70
N ALA A 3 6.96 -0.83 -2.32
CA ALA A 3 6.13 -1.93 -2.82
C ALA A 3 4.82 -1.39 -3.40
N SER A 4 3.86 -2.29 -3.64
CA SER A 4 2.58 -1.89 -4.19
C SER A 4 1.86 -0.97 -3.23
N TRP A 5 1.36 0.14 -3.77
CA TRP A 5 0.66 1.12 -2.97
C TRP A 5 -0.85 0.96 -3.09
N HIS A 6 -1.50 0.84 -1.94
CA HIS A 6 -2.95 0.67 -1.90
C HIS A 6 -3.64 1.85 -1.17
N ARG A 7 -2.83 2.63 -0.43
CA ARG A 7 -3.32 3.79 0.34
C ARG A 7 -3.77 3.36 1.74
N PRO A 8 -3.75 4.28 2.72
CA PRO A 8 -4.16 3.98 4.10
C PRO A 8 -5.68 4.05 4.30
N ASP A 9 -6.42 3.44 3.39
CA ASP A 9 -7.88 3.42 3.47
C ASP A 9 -8.45 4.83 3.64
N LYS A 10 -8.47 5.59 2.54
CA LYS A 10 -8.99 6.95 2.57
C LYS A 10 -8.19 7.80 3.56
N LEU A 1 12.09 -3.25 -2.86
CA LEU A 1 12.31 -4.01 -4.12
C LEU A 1 11.28 -5.14 -4.22
N GLY A 2 10.09 -4.80 -4.69
CA GLY A 2 9.03 -5.78 -4.83
C GLY A 2 7.87 -5.47 -3.89
N ALA A 3 7.13 -4.41 -4.20
CA ALA A 3 5.99 -4.01 -3.39
C ALA A 3 5.06 -3.10 -4.19
N SER A 4 3.92 -2.76 -3.59
CA SER A 4 2.95 -1.90 -4.26
C SER A 4 2.16 -1.08 -3.26
N TRP A 5 1.64 0.04 -3.74
CA TRP A 5 0.85 0.94 -2.89
C TRP A 5 -0.64 0.72 -3.11
N HIS A 6 -1.41 1.04 -2.09
CA HIS A 6 -2.86 0.90 -2.17
C HIS A 6 -3.54 2.15 -1.63
N ARG A 7 -3.39 2.37 -0.32
CA ARG A 7 -3.96 3.53 0.37
C ARG A 7 -3.99 3.27 1.89
N PRO A 8 -3.89 4.33 2.71
CA PRO A 8 -3.91 4.19 4.17
C PRO A 8 -5.33 4.17 4.74
N ASP A 9 -6.15 3.30 4.19
CA ASP A 9 -7.54 3.18 4.63
C ASP A 9 -8.28 4.51 4.44
N LYS A 10 -7.98 5.17 3.33
CA LYS A 10 -8.62 6.45 3.02
C LYS A 10 -9.11 6.47 1.58
N LEU A 1 11.06 -2.64 1.83
CA LEU A 1 10.88 -1.56 0.82
C LEU A 1 10.26 -2.15 -0.45
N GLY A 2 9.79 -1.26 -1.33
CA GLY A 2 9.17 -1.69 -2.58
C GLY A 2 7.69 -1.97 -2.38
N ALA A 3 7.27 -3.18 -2.75
CA ALA A 3 5.86 -3.56 -2.61
C ALA A 3 4.98 -2.64 -3.44
N SER A 4 3.66 -2.81 -3.30
CA SER A 4 2.70 -2.00 -4.04
C SER A 4 1.96 -1.07 -3.09
N TRP A 5 1.52 0.07 -3.64
CA TRP A 5 0.81 1.05 -2.84
C TRP A 5 -0.69 0.98 -3.12
N HIS A 6 -1.46 0.87 -2.04
CA HIS A 6 -2.91 0.80 -2.15
C HIS A 6 -3.52 2.11 -1.63
N ARG A 7 -3.32 2.34 -0.34
CA ARG A 7 -3.80 3.56 0.34
C ARG A 7 -3.96 3.27 1.85
N PRO A 8 -3.78 4.29 2.71
CA PRO A 8 -3.92 4.11 4.16
C PRO A 8 -5.37 4.21 4.62
N ASP A 9 -6.21 3.38 4.03
CA ASP A 9 -7.63 3.37 4.38
C ASP A 9 -8.23 1.98 4.15
N LYS A 10 -7.54 0.96 4.68
CA LYS A 10 -8.01 -0.42 4.54
C LYS A 10 -9.38 -0.59 5.17
N LEU A 1 6.98 -8.85 2.10
CA LEU A 1 7.06 -7.91 0.95
C LEU A 1 6.28 -6.65 1.27
N GLY A 2 7.00 -5.53 1.37
CA GLY A 2 6.36 -4.26 1.68
C GLY A 2 6.38 -3.34 0.46
N ALA A 3 5.61 -3.73 -0.57
CA ALA A 3 5.54 -2.94 -1.79
C ALA A 3 4.10 -2.75 -2.23
N SER A 4 3.92 -2.18 -3.42
CA SER A 4 2.58 -1.94 -3.96
C SER A 4 1.82 -0.97 -3.07
N TRP A 5 1.41 0.14 -3.66
CA TRP A 5 0.67 1.16 -2.93
C TRP A 5 -0.83 0.96 -3.07
N HIS A 6 -1.51 0.87 -1.93
CA HIS A 6 -2.96 0.67 -1.91
C HIS A 6 -3.68 1.83 -1.21
N ARG A 7 -2.91 2.66 -0.48
CA ARG A 7 -3.43 3.81 0.28
C ARG A 7 -3.91 3.36 1.67
N PRO A 8 -3.67 4.18 2.71
CA PRO A 8 -4.09 3.83 4.08
C PRO A 8 -5.55 4.19 4.39
N ASP A 9 -6.44 3.83 3.47
CA ASP A 9 -7.86 4.11 3.68
C ASP A 9 -8.68 2.85 3.46
N LYS A 10 -9.38 2.43 4.52
CA LYS A 10 -10.21 1.23 4.45
C LYS A 10 -10.92 1.00 5.78
N LEU A 1 5.89 2.04 2.23
CA LEU A 1 7.33 1.86 1.92
C LEU A 1 7.53 0.51 1.22
N GLY A 2 7.38 -0.56 1.97
CA GLY A 2 7.55 -1.91 1.41
C GLY A 2 6.29 -2.32 0.65
N ALA A 3 6.44 -3.33 -0.21
CA ALA A 3 5.30 -3.81 -1.00
C ALA A 3 4.77 -2.70 -1.90
N SER A 4 3.57 -2.90 -2.44
CA SER A 4 2.96 -1.91 -3.30
C SER A 4 1.97 -1.08 -2.51
N TRP A 5 1.68 0.10 -3.02
CA TRP A 5 0.75 1.00 -2.35
C TRP A 5 -0.64 0.94 -2.97
N HIS A 6 -1.64 1.07 -2.10
CA HIS A 6 -3.02 1.05 -2.52
C HIS A 6 -3.79 2.17 -1.83
N ARG A 7 -3.58 2.29 -0.52
CA ARG A 7 -4.24 3.33 0.26
C ARG A 7 -3.79 3.25 1.73
N PRO A 8 -3.98 4.34 2.50
CA PRO A 8 -3.58 4.37 3.91
C PRO A 8 -4.60 3.70 4.83
N ASP A 9 -4.89 2.45 4.52
CA ASP A 9 -5.86 1.68 5.31
C ASP A 9 -7.24 2.34 5.26
N LYS A 10 -8.27 1.53 5.49
CA LYS A 10 -9.65 2.05 5.46
C LYS A 10 -9.96 2.80 6.75
N LEU A 1 7.95 -2.27 -0.39
CA LEU A 1 6.96 -3.28 0.10
C LEU A 1 5.55 -2.83 -0.25
N GLY A 2 4.62 -3.77 -0.23
CA GLY A 2 3.22 -3.47 -0.55
C GLY A 2 2.92 -3.82 -2.01
N ALA A 3 1.64 -3.78 -2.36
CA ALA A 3 1.22 -4.08 -3.72
C ALA A 3 1.10 -2.81 -4.54
N SER A 4 2.25 -2.18 -4.79
CA SER A 4 2.29 -0.95 -5.58
C SER A 4 1.47 0.15 -4.89
N TRP A 5 1.48 0.12 -3.57
CA TRP A 5 0.76 1.11 -2.80
C TRP A 5 -0.74 1.07 -3.08
N HIS A 6 -1.50 0.79 -2.04
CA HIS A 6 -2.95 0.75 -2.16
C HIS A 6 -3.53 2.07 -1.65
N ARG A 7 -3.27 2.35 -0.36
CA ARG A 7 -3.71 3.58 0.32
C ARG A 7 -3.97 3.26 1.81
N PRO A 8 -3.70 4.22 2.72
CA PRO A 8 -3.93 4.01 4.16
C PRO A 8 -5.36 4.33 4.58
N ASP A 9 -6.30 3.66 3.91
CA ASP A 9 -7.72 3.87 4.21
C ASP A 9 -8.53 2.66 3.77
N LYS A 10 -9.85 2.74 3.98
CA LYS A 10 -10.73 1.64 3.60
C LYS A 10 -11.39 1.93 2.26
N LEU A 1 6.76 -7.28 -5.05
CA LEU A 1 7.35 -8.44 -4.33
C LEU A 1 6.99 -8.37 -2.85
N GLY A 2 7.47 -7.33 -2.18
CA GLY A 2 7.18 -7.16 -0.76
C GLY A 2 6.87 -5.71 -0.43
N ALA A 3 6.29 -5.00 -1.40
CA ALA A 3 5.95 -3.59 -1.20
C ALA A 3 5.07 -3.10 -2.34
N SER A 4 3.97 -2.45 -1.98
CA SER A 4 3.05 -1.91 -2.97
C SER A 4 2.00 -1.06 -2.29
N TRP A 5 1.73 0.10 -2.89
CA TRP A 5 0.75 1.01 -2.33
C TRP A 5 -0.64 0.80 -2.92
N HIS A 6 -1.64 1.23 -2.16
CA HIS A 6 -3.03 1.13 -2.56
C HIS A 6 -3.84 2.20 -1.85
N ARG A 7 -3.64 2.30 -0.54
CA ARG A 7 -4.33 3.27 0.27
C ARG A 7 -3.78 3.26 1.70
N PRO A 8 -4.04 4.33 2.48
CA PRO A 8 -3.55 4.41 3.88
C PRO A 8 -4.44 3.62 4.84
N ASP A 9 -4.62 2.36 4.55
CA ASP A 9 -5.45 1.48 5.38
C ASP A 9 -5.39 0.05 4.86
N LYS A 10 -4.53 -0.76 5.47
CA LYS A 10 -4.38 -2.15 5.07
C LYS A 10 -3.90 -2.23 3.62
N LEU A 1 5.35 0.67 5.50
CA LEU A 1 5.52 -0.72 6.00
C LEU A 1 6.30 -1.53 4.97
N GLY A 2 5.74 -1.62 3.76
CA GLY A 2 6.39 -2.36 2.69
C GLY A 2 5.38 -2.70 1.59
N ALA A 3 5.81 -3.57 0.66
CA ALA A 3 4.93 -3.97 -0.44
C ALA A 3 4.55 -2.76 -1.29
N SER A 4 3.55 -2.93 -2.15
CA SER A 4 3.09 -1.85 -2.99
C SER A 4 2.01 -1.06 -2.27
N TRP A 5 1.72 0.12 -2.79
CA TRP A 5 0.73 0.98 -2.19
C TRP A 5 -0.61 0.87 -2.89
N HIS A 6 -1.65 1.26 -2.14
CA HIS A 6 -3.02 1.24 -2.66
C HIS A 6 -3.86 2.26 -1.89
N ARG A 7 -3.73 2.21 -0.57
CA ARG A 7 -4.47 3.13 0.30
C ARG A 7 -3.81 3.18 1.68
N PRO A 8 -4.02 4.27 2.44
CA PRO A 8 -3.44 4.41 3.79
C PRO A 8 -4.27 3.72 4.86
N ASP A 9 -4.51 2.43 4.64
CA ASP A 9 -5.29 1.64 5.59
C ASP A 9 -4.38 0.89 6.56
N LYS A 10 -4.01 1.55 7.64
CA LYS A 10 -3.13 0.95 8.64
C LYS A 10 -3.92 0.01 9.54
N LEU A 1 11.64 -7.26 0.22
CA LEU A 1 12.10 -5.93 -0.28
C LEU A 1 11.31 -4.84 0.45
N GLY A 2 10.02 -4.75 0.14
CA GLY A 2 9.17 -3.74 0.77
C GLY A 2 7.70 -4.09 0.59
N ALA A 3 7.02 -3.31 -0.26
CA ALA A 3 5.60 -3.53 -0.51
C ALA A 3 5.09 -2.58 -1.58
N SER A 4 3.80 -2.67 -1.87
CA SER A 4 3.19 -1.80 -2.87
C SER A 4 2.14 -0.92 -2.22
N TRP A 5 1.74 0.12 -2.94
CA TRP A 5 0.76 1.05 -2.43
C TRP A 5 -0.65 0.68 -2.87
N HIS A 6 -1.62 1.33 -2.23
CA HIS A 6 -3.02 1.08 -2.54
C HIS A 6 -3.88 2.13 -1.82
N ARG A 7 -3.56 2.35 -0.54
CA ARG A 7 -4.27 3.33 0.27
C ARG A 7 -3.83 3.21 1.73
N PRO A 8 -3.93 4.30 2.51
CA PRO A 8 -3.53 4.29 3.94
C PRO A 8 -4.65 3.80 4.86
N ASP A 9 -5.27 2.70 4.49
CA ASP A 9 -6.35 2.14 5.29
C ASP A 9 -7.49 3.13 5.42
N LYS A 10 -8.34 3.18 4.39
CA LYS A 10 -9.48 4.10 4.40
C LYS A 10 -9.00 5.55 4.51
N LEU A 1 7.29 -10.42 -0.38
CA LEU A 1 8.34 -9.90 -1.29
C LEU A 1 7.74 -8.85 -2.21
N GLY A 2 6.60 -9.17 -2.82
CA GLY A 2 5.93 -8.24 -3.72
C GLY A 2 4.88 -7.45 -2.97
N ALA A 3 5.07 -6.13 -2.91
CA ALA A 3 4.12 -5.26 -2.23
C ALA A 3 3.85 -4.02 -3.06
N SER A 4 2.95 -3.17 -2.56
CA SER A 4 2.62 -1.93 -3.26
C SER A 4 1.60 -1.13 -2.48
N TRP A 5 1.57 0.17 -2.78
CA TRP A 5 0.67 1.07 -2.09
C TRP A 5 -0.66 1.23 -2.82
N HIS A 6 -1.74 0.93 -2.10
CA HIS A 6 -3.08 1.06 -2.66
C HIS A 6 -3.86 2.14 -1.92
N ARG A 7 -3.58 2.27 -0.61
CA ARG A 7 -4.26 3.27 0.21
C ARG A 7 -3.72 3.23 1.64
N PRO A 8 -3.94 4.29 2.42
CA PRO A 8 -3.46 4.36 3.82
C PRO A 8 -4.37 3.63 4.79
N ASP A 9 -4.61 2.35 4.50
CA ASP A 9 -5.48 1.54 5.35
C ASP A 9 -4.64 0.53 6.14
N LYS A 10 -3.78 1.05 7.02
CA LYS A 10 -2.92 0.18 7.83
C LYS A 10 -3.39 0.19 9.28
N LEU A 1 10.16 -9.83 -1.53
CA LEU A 1 10.05 -8.39 -1.16
C LEU A 1 9.36 -7.63 -2.29
N GLY A 2 8.47 -6.72 -1.91
CA GLY A 2 7.74 -5.92 -2.89
C GLY A 2 6.54 -5.23 -2.25
N ALA A 3 6.79 -4.06 -1.67
CA ALA A 3 5.73 -3.30 -1.02
C ALA A 3 5.01 -2.40 -2.02
N SER A 4 3.76 -2.72 -2.30
CA SER A 4 2.97 -1.93 -3.24
C SER A 4 1.95 -1.10 -2.48
N TRP A 5 1.70 0.10 -3.00
CA TRP A 5 0.76 1.00 -2.36
C TRP A 5 -0.63 0.90 -2.97
N HIS A 6 -1.62 1.12 -2.12
CA HIS A 6 -3.02 1.07 -2.53
C HIS A 6 -3.80 2.18 -1.84
N ARG A 7 -3.59 2.29 -0.53
CA ARG A 7 -4.27 3.32 0.26
C ARG A 7 -3.79 3.26 1.72
N PRO A 8 -4.00 4.34 2.50
CA PRO A 8 -3.58 4.38 3.91
C PRO A 8 -4.56 3.69 4.85
N ASP A 9 -4.86 2.43 4.55
CA ASP A 9 -5.78 1.64 5.37
C ASP A 9 -7.14 2.34 5.48
N LYS A 10 -8.03 1.74 6.27
CA LYS A 10 -9.37 2.31 6.46
C LYS A 10 -9.57 2.69 7.92
N LEU A 1 10.23 0.88 -12.00
CA LEU A 1 9.56 -0.10 -11.10
C LEU A 1 9.45 0.50 -9.70
N GLY A 2 8.91 -0.29 -8.78
CA GLY A 2 8.74 0.17 -7.40
C GLY A 2 7.88 -0.81 -6.61
N ALA A 3 7.42 -0.37 -5.44
CA ALA A 3 6.59 -1.21 -4.59
C ALA A 3 5.11 -1.01 -4.93
N SER A 4 4.25 -1.74 -4.23
CA SER A 4 2.82 -1.64 -4.46
C SER A 4 2.17 -0.73 -3.42
N TRP A 5 1.33 0.17 -3.89
CA TRP A 5 0.66 1.10 -3.00
C TRP A 5 -0.86 0.95 -3.08
N HIS A 6 -1.48 0.83 -1.92
CA HIS A 6 -2.93 0.66 -1.83
C HIS A 6 -3.59 1.84 -1.11
N ARG A 7 -2.78 2.64 -0.39
CA ARG A 7 -3.27 3.81 0.37
C ARG A 7 -3.83 3.37 1.72
N PRO A 8 -3.70 4.20 2.76
CA PRO A 8 -4.25 3.87 4.09
C PRO A 8 -5.72 4.20 4.22
N ASP A 9 -6.51 3.70 3.26
CA ASP A 9 -7.96 3.92 3.22
C ASP A 9 -8.33 5.37 3.58
N LYS A 10 -8.51 6.19 2.55
CA LYS A 10 -8.87 7.59 2.74
C LYS A 10 -10.20 7.71 3.49
N LEU A 1 11.45 -5.70 1.23
CA LEU A 1 12.09 -4.48 0.64
C LEU A 1 11.40 -4.13 -0.67
N GLY A 2 10.40 -3.27 -0.58
CA GLY A 2 9.67 -2.85 -1.77
C GLY A 2 8.21 -2.54 -1.43
N ALA A 3 7.39 -3.60 -1.40
CA ALA A 3 5.97 -3.44 -1.08
C ALA A 3 5.29 -2.54 -2.10
N SER A 4 3.96 -2.61 -2.14
CA SER A 4 3.18 -1.80 -3.08
C SER A 4 2.15 -0.98 -2.33
N TRP A 5 1.74 0.12 -2.95
CA TRP A 5 0.76 1.00 -2.33
C TRP A 5 -0.65 0.69 -2.85
N HIS A 6 -1.62 1.32 -2.21
CA HIS A 6 -3.02 1.14 -2.57
C HIS A 6 -3.87 2.17 -1.83
N ARG A 7 -3.59 2.33 -0.55
CA ARG A 7 -4.33 3.27 0.28
C ARG A 7 -3.80 3.25 1.72
N PRO A 8 -4.02 4.33 2.49
CA PRO A 8 -3.55 4.39 3.89
C PRO A 8 -4.49 3.68 4.85
N ASP A 9 -4.71 2.39 4.58
CA ASP A 9 -5.60 1.59 5.41
C ASP A 9 -7.04 2.11 5.34
N LYS A 10 -7.64 1.95 4.16
CA LYS A 10 -9.00 2.41 3.94
C LYS A 10 -9.97 1.68 4.88
N LEU A 1 10.29 -4.73 1.14
CA LEU A 1 11.27 -4.96 0.05
C LEU A 1 10.64 -4.54 -1.29
N GLY A 2 9.63 -5.29 -1.70
CA GLY A 2 8.94 -5.00 -2.95
C GLY A 2 7.43 -4.93 -2.75
N ALA A 3 7.00 -4.04 -1.86
CA ALA A 3 5.57 -3.89 -1.58
C ALA A 3 4.95 -2.85 -2.51
N SER A 4 3.63 -2.89 -2.61
CA SER A 4 2.91 -1.95 -3.47
C SER A 4 1.98 -1.09 -2.64
N TRP A 5 1.66 0.09 -3.19
CA TRP A 5 0.78 1.02 -2.49
C TRP A 5 -0.65 0.91 -3.01
N HIS A 6 -1.59 1.05 -2.09
CA HIS A 6 -3.01 0.98 -2.43
C HIS A 6 -3.75 2.15 -1.78
N ARG A 7 -3.51 2.32 -0.48
CA ARG A 7 -4.14 3.41 0.28
C ARG A 7 -3.83 3.26 1.77
N PRO A 8 -3.91 4.34 2.55
CA PRO A 8 -3.64 4.29 3.99
C PRO A 8 -4.85 3.83 4.80
N ASP A 9 -5.33 2.65 4.46
CA ASP A 9 -6.49 2.08 5.15
C ASP A 9 -6.12 1.70 6.58
N LYS A 10 -6.78 2.37 7.53
CA LYS A 10 -6.52 2.09 8.94
C LYS A 10 -7.30 0.86 9.40
N LEU A 1 10.54 -4.91 0.94
CA LEU A 1 11.08 -3.52 0.83
C LEU A 1 10.28 -2.76 -0.21
N GLY A 2 10.24 -3.30 -1.43
CA GLY A 2 9.52 -2.65 -2.52
C GLY A 2 8.03 -2.57 -2.19
N ALA A 3 7.34 -3.70 -2.29
CA ALA A 3 5.91 -3.75 -2.00
C ALA A 3 5.15 -2.84 -2.96
N SER A 4 3.83 -2.77 -2.76
CA SER A 4 3.01 -1.92 -3.61
C SER A 4 2.10 -1.04 -2.77
N TRP A 5 1.67 0.08 -3.35
CA TRP A 5 0.81 1.01 -2.65
C TRP A 5 -0.64 0.82 -3.05
N HIS A 6 -1.53 1.07 -2.09
CA HIS A 6 -2.97 0.94 -2.33
C HIS A 6 -3.70 2.14 -1.73
N ARG A 7 -3.47 2.35 -0.44
CA ARG A 7 -4.09 3.45 0.30
C ARG A 7 -3.90 3.25 1.81
N PRO A 8 -3.89 4.33 2.60
CA PRO A 8 -3.71 4.24 4.05
C PRO A 8 -5.03 3.96 4.78
N ASP A 9 -5.67 2.87 4.38
CA ASP A 9 -6.94 2.48 4.98
C ASP A 9 -7.33 1.07 4.53
N LYS A 10 -6.80 0.08 5.23
CA LYS A 10 -7.09 -1.31 4.91
C LYS A 10 -8.23 -1.84 5.78
N LEU A 1 9.65 -0.94 -3.14
CA LEU A 1 10.50 -1.84 -2.32
C LEU A 1 9.61 -2.79 -1.52
N GLY A 2 9.43 -4.00 -2.05
CA GLY A 2 8.60 -5.00 -1.38
C GLY A 2 7.18 -4.97 -1.93
N ALA A 3 6.22 -4.68 -1.06
CA ALA A 3 4.82 -4.63 -1.47
C ALA A 3 4.56 -3.38 -2.30
N SER A 4 3.28 -3.14 -2.59
CA SER A 4 2.89 -1.97 -3.38
C SER A 4 1.91 -1.13 -2.60
N TRP A 5 1.69 0.08 -3.10
CA TRP A 5 0.78 1.01 -2.44
C TRP A 5 -0.62 0.89 -2.99
N HIS A 6 -1.60 1.12 -2.11
CA HIS A 6 -3.01 1.05 -2.49
C HIS A 6 -3.78 2.17 -1.81
N ARG A 7 -3.57 2.30 -0.51
CA ARG A 7 -4.24 3.34 0.28
C ARG A 7 -3.83 3.24 1.75
N PRO A 8 -3.95 4.34 2.52
CA PRO A 8 -3.60 4.33 3.95
C PRO A 8 -4.71 3.79 4.84
N ASP A 9 -5.12 2.58 4.54
CA ASP A 9 -6.19 1.93 5.31
C ASP A 9 -5.78 0.50 5.68
N LYS A 10 -5.70 0.25 6.98
CA LYS A 10 -5.32 -1.08 7.46
C LYS A 10 -6.14 -1.45 8.69
N LEU A 1 7.22 -6.77 -8.23
CA LEU A 1 7.58 -7.77 -7.19
C LEU A 1 7.72 -7.08 -5.84
N GLY A 2 7.09 -7.66 -4.82
CA GLY A 2 7.16 -7.10 -3.48
C GLY A 2 5.84 -6.42 -3.12
N ALA A 3 5.90 -5.53 -2.12
CA ALA A 3 4.70 -4.82 -1.69
C ALA A 3 4.36 -3.68 -2.65
N SER A 4 3.16 -3.13 -2.49
CA SER A 4 2.73 -2.03 -3.33
C SER A 4 1.76 -1.14 -2.57
N TRP A 5 1.63 0.09 -3.03
CA TRP A 5 0.75 1.05 -2.38
C TRP A 5 -0.65 1.01 -2.98
N HIS A 6 -1.63 1.02 -2.08
CA HIS A 6 -3.03 1.01 -2.49
C HIS A 6 -3.78 2.15 -1.82
N ARG A 7 -3.55 2.30 -0.52
CA ARG A 7 -4.19 3.36 0.26
C ARG A 7 -3.80 3.25 1.73
N PRO A 8 -3.92 4.34 2.50
CA PRO A 8 -3.58 4.32 3.94
C PRO A 8 -4.69 3.76 4.80
N ASP A 9 -5.11 2.55 4.48
CA ASP A 9 -6.17 1.88 5.24
C ASP A 9 -5.60 1.06 6.38
N LYS A 10 -5.44 1.70 7.53
CA LYS A 10 -4.88 1.02 8.70
C LYS A 10 -3.47 0.52 8.41
N LEU A 1 8.93 -11.22 -1.61
CA LEU A 1 7.88 -10.42 -0.92
C LEU A 1 8.09 -8.94 -1.20
N GLY A 2 7.58 -8.49 -2.35
CA GLY A 2 7.71 -7.09 -2.73
C GLY A 2 6.71 -6.22 -1.99
N ALA A 3 6.05 -5.33 -2.72
CA ALA A 3 5.06 -4.45 -2.11
C ALA A 3 4.34 -3.63 -3.17
N SER A 4 3.33 -2.88 -2.74
CA SER A 4 2.56 -2.05 -3.67
C SER A 4 1.77 -1.00 -2.90
N TRP A 5 1.44 0.08 -3.59
CA TRP A 5 0.69 1.17 -2.96
C TRP A 5 -0.81 0.94 -3.11
N HIS A 6 -1.50 0.92 -1.97
CA HIS A 6 -2.94 0.69 -1.95
C HIS A 6 -3.69 1.82 -1.24
N ARG A 7 -2.95 2.66 -0.48
CA ARG A 7 -3.51 3.79 0.28
C ARG A 7 -3.86 3.35 1.71
N PRO A 8 -3.72 4.25 2.70
CA PRO A 8 -4.05 3.91 4.10
C PRO A 8 -5.53 4.09 4.43
N ASP A 9 -6.38 3.55 3.56
CA ASP A 9 -7.82 3.65 3.76
C ASP A 9 -8.28 2.64 4.81
N LYS A 10 -8.75 3.16 5.94
CA LYS A 10 -9.22 2.30 7.03
C LYS A 10 -10.72 2.49 7.24
N LEU A 1 4.85 -0.10 5.66
CA LEU A 1 6.30 -0.40 5.46
C LEU A 1 6.48 -1.27 4.23
N GLY A 2 5.60 -2.25 4.07
CA GLY A 2 5.67 -3.16 2.93
C GLY A 2 5.51 -2.38 1.62
N ALA A 3 6.22 -2.82 0.60
CA ALA A 3 6.16 -2.15 -0.70
C ALA A 3 4.74 -2.21 -1.26
N SER A 4 4.59 -1.73 -2.49
CA SER A 4 3.29 -1.71 -3.16
C SER A 4 2.31 -0.83 -2.39
N TRP A 5 1.73 0.11 -3.13
CA TRP A 5 0.78 1.03 -2.53
C TRP A 5 -0.64 0.74 -2.97
N HIS A 6 -1.59 1.20 -2.16
CA HIS A 6 -3.00 1.01 -2.44
C HIS A 6 -3.80 2.13 -1.78
N ARG A 7 -3.52 2.35 -0.50
CA ARG A 7 -4.18 3.40 0.28
C ARG A 7 -3.87 3.24 1.77
N PRO A 8 -3.89 4.33 2.55
CA PRO A 8 -3.61 4.27 3.99
C PRO A 8 -4.83 3.87 4.82
N ASP A 9 -5.40 2.72 4.47
CA ASP A 9 -6.57 2.22 5.17
C ASP A 9 -6.22 1.88 6.62
N LYS A 10 -6.86 2.57 7.56
CA LYS A 10 -6.61 2.33 8.97
C LYS A 10 -7.78 1.57 9.60
N LEU A 1 2.33 -11.13 -6.10
CA LEU A 1 3.29 -10.10 -6.57
C LEU A 1 4.03 -9.50 -5.37
N GLY A 2 4.84 -8.48 -5.63
CA GLY A 2 5.59 -7.83 -4.56
C GLY A 2 4.76 -6.73 -3.91
N ALA A 3 5.45 -5.78 -3.28
CA ALA A 3 4.78 -4.67 -2.62
C ALA A 3 4.01 -3.84 -3.64
N SER A 4 3.14 -2.97 -3.13
CA SER A 4 2.34 -2.12 -3.99
C SER A 4 1.52 -1.13 -3.17
N TRP A 5 1.43 0.10 -3.68
CA TRP A 5 0.69 1.14 -2.99
C TRP A 5 -0.81 0.91 -3.11
N HIS A 6 -1.48 0.92 -1.96
CA HIS A 6 -2.92 0.69 -1.89
C HIS A 6 -3.67 1.83 -1.18
N ARG A 7 -2.92 2.68 -0.47
CA ARG A 7 -3.48 3.80 0.29
C ARG A 7 -3.90 3.37 1.70
N PRO A 8 -3.71 4.22 2.72
CA PRO A 8 -4.09 3.89 4.10
C PRO A 8 -5.57 4.11 4.38
N ASP A 9 -6.42 3.55 3.52
CA ASP A 9 -7.86 3.69 3.68
C ASP A 9 -8.27 5.16 3.69
N LYS A 10 -8.83 5.62 2.58
CA LYS A 10 -9.26 7.02 2.46
C LYS A 10 -8.08 7.96 2.66
N LEU A 1 10.98 0.36 -0.26
CA LEU A 1 11.61 -0.56 -1.26
C LEU A 1 10.67 -0.75 -2.45
N GLY A 2 9.88 0.28 -2.75
CA GLY A 2 8.94 0.21 -3.87
C GLY A 2 7.63 -0.45 -3.44
N ALA A 3 7.50 -1.73 -3.75
CA ALA A 3 6.29 -2.47 -3.40
C ALA A 3 5.06 -1.85 -4.06
N SER A 4 3.88 -2.36 -3.70
CA SER A 4 2.64 -1.86 -4.26
C SER A 4 1.96 -0.91 -3.28
N TRP A 5 1.35 0.14 -3.82
CA TRP A 5 0.67 1.13 -2.99
C TRP A 5 -0.84 0.96 -3.08
N HIS A 6 -1.47 0.85 -1.92
CA HIS A 6 -2.93 0.67 -1.86
C HIS A 6 -3.61 1.84 -1.14
N ARG A 7 -2.83 2.64 -0.42
CA ARG A 7 -3.35 3.81 0.33
C ARG A 7 -3.85 3.36 1.70
N PRO A 8 -3.71 4.20 2.74
CA PRO A 8 -4.19 3.86 4.09
C PRO A 8 -5.66 4.19 4.30
N ASP A 9 -6.49 3.78 3.35
CA ASP A 9 -7.93 4.03 3.43
C ASP A 9 -8.20 5.53 3.46
N LYS A 10 -9.42 5.91 3.05
CA LYS A 10 -9.79 7.32 3.03
C LYS A 10 -9.90 7.87 4.45
N LEU A 1 9.88 -2.97 -7.50
CA LEU A 1 11.14 -3.03 -6.72
C LEU A 1 10.89 -3.75 -5.39
N GLY A 2 9.94 -3.21 -4.63
CA GLY A 2 9.61 -3.80 -3.33
C GLY A 2 8.30 -3.23 -2.79
N ALA A 3 7.44 -4.13 -2.30
CA ALA A 3 6.15 -3.70 -1.76
C ALA A 3 5.32 -2.99 -2.83
N SER A 4 4.14 -2.53 -2.43
CA SER A 4 3.25 -1.83 -3.36
C SER A 4 2.30 -0.92 -2.60
N TRP A 5 1.75 0.05 -3.31
CA TRP A 5 0.83 1.01 -2.72
C TRP A 5 -0.62 0.60 -2.95
N HIS A 6 -1.51 1.27 -2.24
CA HIS A 6 -2.94 1.01 -2.35
C HIS A 6 -3.71 2.17 -1.73
N ARG A 7 -3.52 2.34 -0.43
CA ARG A 7 -4.17 3.41 0.32
C ARG A 7 -3.92 3.24 1.82
N PRO A 8 -3.93 4.33 2.60
CA PRO A 8 -3.69 4.24 4.06
C PRO A 8 -4.98 4.00 4.86
N ASP A 9 -5.77 3.05 4.38
CA ASP A 9 -7.02 2.71 5.06
C ASP A 9 -7.93 3.93 5.15
N LYS A 10 -8.75 4.14 4.12
CA LYS A 10 -9.66 5.28 4.11
C LYS A 10 -11.08 4.82 4.42
N LEU A 1 4.82 -2.12 -11.35
CA LEU A 1 5.76 -1.35 -12.21
C LEU A 1 6.80 -0.66 -11.31
N GLY A 2 6.30 0.12 -10.35
CA GLY A 2 7.19 0.83 -9.45
C GLY A 2 6.60 0.87 -8.03
N ALA A 3 7.16 0.05 -7.15
CA ALA A 3 6.69 -0.02 -5.77
C ALA A 3 5.23 -0.45 -5.72
N SER A 4 4.80 -0.93 -4.56
CA SER A 4 3.42 -1.36 -4.38
C SER A 4 2.70 -0.47 -3.37
N TRP A 5 1.59 0.11 -3.81
CA TRP A 5 0.82 0.99 -2.95
C TRP A 5 -0.68 0.78 -3.14
N HIS A 6 -1.42 0.95 -2.05
CA HIS A 6 -2.86 0.81 -2.08
C HIS A 6 -3.51 2.12 -1.59
N ARG A 7 -3.28 2.39 -0.30
CA ARG A 7 -3.78 3.60 0.38
C ARG A 7 -4.05 3.28 1.86
N PRO A 8 -3.78 4.23 2.77
CA PRO A 8 -4.02 4.02 4.21
C PRO A 8 -5.44 4.39 4.63
N ASP A 9 -6.40 3.83 3.91
CA ASP A 9 -7.81 4.10 4.21
C ASP A 9 -8.36 3.10 5.21
N LYS A 10 -9.51 3.43 5.79
CA LYS A 10 -10.14 2.57 6.77
C LYS A 10 -11.43 1.96 6.21
N LEU A 1 9.77 -8.56 -0.15
CA LEU A 1 8.29 -8.74 -0.21
C LEU A 1 7.78 -8.25 -1.56
N GLY A 2 8.25 -7.07 -1.97
CA GLY A 2 7.84 -6.48 -3.23
C GLY A 2 6.36 -6.10 -3.19
N ALA A 3 5.99 -5.36 -2.16
CA ALA A 3 4.60 -4.94 -2.01
C ALA A 3 4.32 -3.70 -2.84
N SER A 4 3.10 -3.19 -2.75
CA SER A 4 2.70 -2.00 -3.51
C SER A 4 1.76 -1.15 -2.69
N TRP A 5 1.62 0.10 -3.11
CA TRP A 5 0.76 1.04 -2.42
C TRP A 5 -0.66 1.01 -2.98
N HIS A 6 -1.62 0.98 -2.06
CA HIS A 6 -3.02 0.97 -2.45
C HIS A 6 -3.76 2.13 -1.80
N ARG A 7 -3.50 2.32 -0.51
CA ARG A 7 -4.13 3.40 0.26
C ARG A 7 -3.79 3.26 1.74
N PRO A 8 -3.93 4.35 2.52
CA PRO A 8 -3.62 4.32 3.96
C PRO A 8 -4.78 3.76 4.79
N ASP A 9 -5.20 2.56 4.44
CA ASP A 9 -6.30 1.90 5.15
C ASP A 9 -5.86 0.52 5.64
N LYS A 10 -6.40 0.13 6.79
CA LYS A 10 -6.06 -1.17 7.36
C LYS A 10 -4.56 -1.27 7.64
N LEU A 1 10.98 -2.61 2.29
CA LEU A 1 10.34 -3.48 3.32
C LEU A 1 8.86 -3.13 3.43
N GLY A 2 8.03 -3.89 2.73
CA GLY A 2 6.59 -3.66 2.75
C GLY A 2 5.92 -4.28 1.53
N ALA A 3 5.40 -3.42 0.66
CA ALA A 3 4.73 -3.89 -0.55
C ALA A 3 4.28 -2.70 -1.39
N SER A 4 3.38 -2.96 -2.34
CA SER A 4 2.87 -1.91 -3.20
C SER A 4 1.83 -1.10 -2.44
N TRP A 5 1.66 0.12 -2.87
CA TRP A 5 0.72 1.01 -2.21
C TRP A 5 -0.62 1.04 -2.91
N HIS A 6 -1.68 1.06 -2.10
CA HIS A 6 -3.05 1.10 -2.59
C HIS A 6 -3.82 2.21 -1.88
N ARG A 7 -3.64 2.26 -0.56
CA ARG A 7 -4.33 3.26 0.25
C ARG A 7 -3.77 3.25 1.68
N PRO A 8 -3.99 4.32 2.46
CA PRO A 8 -3.50 4.38 3.84
C PRO A 8 -4.42 3.65 4.83
N ASP A 9 -4.64 2.37 4.54
CA ASP A 9 -5.48 1.55 5.39
C ASP A 9 -4.72 1.12 6.65
N LYS A 10 -5.46 0.88 7.72
CA LYS A 10 -4.85 0.46 8.98
C LYS A 10 -5.32 -0.94 9.36
N LEU A 1 10.00 -2.05 2.25
CA LEU A 1 9.32 -3.35 2.50
C LEU A 1 7.81 -3.15 2.41
N GLY A 2 7.38 -2.52 1.32
CA GLY A 2 5.96 -2.27 1.12
C GLY A 2 5.30 -3.44 0.40
N ALA A 3 4.12 -3.17 -0.15
CA ALA A 3 3.37 -4.20 -0.87
C ALA A 3 2.54 -3.56 -1.97
N SER A 4 3.19 -2.70 -2.75
CA SER A 4 2.51 -2.00 -3.84
C SER A 4 1.38 -1.16 -3.27
N TRP A 5 1.69 0.12 -3.08
CA TRP A 5 0.75 1.09 -2.52
C TRP A 5 -0.68 0.92 -3.04
N HIS A 6 -1.62 1.03 -2.10
CA HIS A 6 -3.04 0.93 -2.41
C HIS A 6 -3.77 2.11 -1.78
N ARG A 7 -3.48 2.34 -0.50
CA ARG A 7 -4.08 3.45 0.26
C ARG A 7 -3.85 3.24 1.76
N PRO A 8 -3.83 4.32 2.56
CA PRO A 8 -3.62 4.22 4.01
C PRO A 8 -4.90 3.89 4.77
N ASP A 9 -5.53 2.79 4.38
CA ASP A 9 -6.76 2.35 5.01
C ASP A 9 -6.93 0.85 4.85
N LYS A 10 -6.23 0.08 5.70
CA LYS A 10 -6.31 -1.38 5.64
C LYS A 10 -5.83 -1.88 4.28
N LEU A 1 -1.00 -6.84 -4.98
CA LEU A 1 0.14 -7.54 -5.65
C LEU A 1 1.14 -8.01 -4.59
N GLY A 2 1.55 -7.09 -3.73
CA GLY A 2 2.50 -7.41 -2.68
C GLY A 2 2.85 -6.17 -1.86
N ALA A 3 3.94 -5.53 -2.23
CA ALA A 3 4.38 -4.32 -1.52
C ALA A 3 4.07 -3.08 -2.35
N SER A 4 2.89 -3.08 -2.97
CA SER A 4 2.48 -1.94 -3.78
C SER A 4 1.41 -1.16 -3.05
N TRP A 5 1.63 0.14 -2.96
CA TRP A 5 0.72 1.02 -2.28
C TRP A 5 -0.66 1.06 -2.93
N HIS A 6 -1.68 0.97 -2.09
CA HIS A 6 -3.06 1.02 -2.54
C HIS A 6 -3.79 2.17 -1.85
N ARG A 7 -3.56 2.29 -0.55
CA ARG A 7 -4.18 3.34 0.24
C ARG A 7 -3.71 3.29 1.70
N PRO A 8 -4.00 4.34 2.48
CA PRO A 8 -3.60 4.40 3.90
C PRO A 8 -4.54 3.62 4.81
N ASP A 9 -4.74 2.34 4.48
CA ASP A 9 -5.63 1.45 5.24
C ASP A 9 -6.95 2.12 5.61
N LYS A 10 -7.73 1.46 6.46
CA LYS A 10 -9.03 1.99 6.88
C LYS A 10 -9.10 2.06 8.40
N LEU A 1 3.97 -11.72 -0.57
CA LEU A 1 5.21 -11.00 -0.14
C LEU A 1 5.52 -9.90 -1.13
N GLY A 2 6.30 -8.91 -0.67
CA GLY A 2 6.67 -7.79 -1.53
C GLY A 2 6.12 -6.48 -0.97
N ALA A 3 6.06 -5.47 -1.82
CA ALA A 3 5.54 -4.16 -1.41
C ALA A 3 4.75 -3.51 -2.53
N SER A 4 3.81 -2.66 -2.14
CA SER A 4 2.97 -1.95 -3.12
C SER A 4 1.98 -1.06 -2.40
N TRP A 5 1.69 0.08 -3.01
CA TRP A 5 0.78 1.03 -2.42
C TRP A 5 -0.64 0.85 -2.97
N HIS A 6 -1.61 1.16 -2.13
CA HIS A 6 -3.02 1.07 -2.51
C HIS A 6 -3.81 2.17 -1.82
N ARG A 7 -3.58 2.30 -0.51
CA ARG A 7 -4.26 3.33 0.28
C ARG A 7 -3.82 3.24 1.74
N PRO A 8 -3.95 4.33 2.51
CA PRO A 8 -3.57 4.34 3.93
C PRO A 8 -4.64 3.77 4.84
N ASP A 9 -5.03 2.53 4.54
CA ASP A 9 -6.05 1.85 5.33
C ASP A 9 -5.50 0.59 5.96
N LYS A 10 -4.83 0.75 7.11
CA LYS A 10 -4.24 -0.39 7.80
C LYS A 10 -5.32 -1.22 8.48
N LEU A 1 9.39 -6.82 -2.03
CA LEU A 1 8.59 -5.57 -1.89
C LEU A 1 9.51 -4.36 -2.07
N GLY A 2 9.43 -3.72 -3.24
CA GLY A 2 10.25 -2.56 -3.52
C GLY A 2 9.45 -1.27 -3.33
N ALA A 3 8.17 -1.33 -3.64
CA ALA A 3 7.29 -0.17 -3.50
C ALA A 3 5.87 -0.52 -3.90
N SER A 4 5.07 -0.94 -2.93
CA SER A 4 3.69 -1.31 -3.20
C SER A 4 2.73 -0.39 -2.44
N TRP A 5 1.76 0.13 -3.17
CA TRP A 5 0.78 1.02 -2.56
C TRP A 5 -0.65 0.60 -2.88
N HIS A 6 -1.58 1.29 -2.25
CA HIS A 6 -2.99 1.02 -2.42
C HIS A 6 -3.79 2.15 -1.77
N ARG A 7 -3.54 2.35 -0.48
CA ARG A 7 -4.20 3.41 0.29
C ARG A 7 -3.90 3.22 1.78
N PRO A 8 -3.88 4.31 2.56
CA PRO A 8 -3.61 4.24 4.01
C PRO A 8 -4.84 3.90 4.82
N ASP A 9 -5.45 2.78 4.48
CA ASP A 9 -6.66 2.32 5.17
C ASP A 9 -6.39 1.00 5.90
N LYS A 10 -7.05 0.83 7.04
CA LYS A 10 -6.88 -0.39 7.83
C LYS A 10 -5.43 -0.56 8.27
N LEU A 1 3.01 -7.27 -6.30
CA LEU A 1 4.49 -7.46 -6.35
C LEU A 1 5.08 -7.04 -5.01
N GLY A 2 5.34 -8.03 -4.16
CA GLY A 2 5.92 -7.75 -2.84
C GLY A 2 5.00 -6.85 -2.04
N ALA A 3 5.28 -5.55 -2.06
CA ALA A 3 4.47 -4.58 -1.35
C ALA A 3 4.15 -3.39 -2.25
N SER A 4 2.86 -3.14 -2.44
CA SER A 4 2.43 -2.04 -3.29
C SER A 4 1.45 -1.13 -2.54
N TRP A 5 1.53 0.15 -2.85
CA TRP A 5 0.69 1.14 -2.21
C TRP A 5 -0.69 1.22 -2.87
N HIS A 6 -1.71 0.90 -2.09
CA HIS A 6 -3.08 0.96 -2.59
C HIS A 6 -3.84 2.09 -1.88
N ARG A 7 -3.51 2.30 -0.60
CA ARG A 7 -4.15 3.35 0.20
C ARG A 7 -3.74 3.22 1.67
N PRO A 8 -3.85 4.30 2.46
CA PRO A 8 -3.49 4.28 3.89
C PRO A 8 -4.60 3.73 4.78
N ASP A 9 -5.05 2.53 4.46
CA ASP A 9 -6.10 1.88 5.24
C ASP A 9 -7.35 2.76 5.35
N LYS A 10 -8.21 2.67 4.34
CA LYS A 10 -9.43 3.47 4.34
C LYS A 10 -10.58 2.70 3.69
N LEU A 1 7.16 -1.36 4.01
CA LEU A 1 7.69 -0.29 3.11
C LEU A 1 8.01 -0.89 1.75
N GLY A 2 8.59 -2.08 1.76
CA GLY A 2 8.94 -2.77 0.51
C GLY A 2 7.74 -3.53 -0.03
N ALA A 3 6.87 -2.81 -0.75
CA ALA A 3 5.67 -3.43 -1.32
C ALA A 3 4.95 -2.44 -2.24
N SER A 4 3.72 -2.77 -2.60
CA SER A 4 2.94 -1.91 -3.47
C SER A 4 2.02 -1.03 -2.65
N TRP A 5 1.65 0.10 -3.21
CA TRP A 5 0.78 1.04 -2.52
C TRP A 5 -0.65 0.93 -3.02
N HIS A 6 -1.59 1.02 -2.07
CA HIS A 6 -3.01 0.94 -2.40
C HIS A 6 -3.74 2.13 -1.77
N ARG A 7 -3.48 2.35 -0.48
CA ARG A 7 -4.10 3.44 0.27
C ARG A 7 -3.85 3.25 1.77
N PRO A 8 -3.87 4.34 2.56
CA PRO A 8 -3.65 4.25 4.01
C PRO A 8 -4.91 3.89 4.78
N ASP A 9 -5.51 2.77 4.40
CA ASP A 9 -6.74 2.31 5.04
C ASP A 9 -6.45 1.10 5.93
N LYS A 10 -7.08 1.07 7.10
CA LYS A 10 -6.89 -0.04 8.03
C LYS A 10 -8.13 -0.21 8.91
N LEU A 1 5.56 -7.69 -1.63
CA LEU A 1 6.13 -8.14 -2.93
C LEU A 1 7.35 -7.30 -3.29
N GLY A 2 7.09 -6.03 -3.62
CA GLY A 2 8.16 -5.12 -3.99
C GLY A 2 7.71 -3.67 -3.87
N ALA A 3 7.31 -3.29 -2.65
CA ALA A 3 6.84 -1.92 -2.41
C ALA A 3 5.62 -1.62 -3.26
N SER A 4 4.45 -2.01 -2.75
CA SER A 4 3.21 -1.79 -3.47
C SER A 4 2.28 -0.91 -2.65
N TRP A 5 1.70 0.10 -3.32
CA TRP A 5 0.80 1.01 -2.64
C TRP A 5 -0.65 0.75 -3.02
N HIS A 6 -1.54 1.12 -2.12
CA HIS A 6 -2.97 0.95 -2.34
C HIS A 6 -3.72 2.14 -1.73
N ARG A 7 -3.47 2.36 -0.44
CA ARG A 7 -4.10 3.46 0.30
C ARG A 7 -3.92 3.25 1.80
N PRO A 8 -3.87 4.33 2.60
CA PRO A 8 -3.70 4.22 4.06
C PRO A 8 -5.00 3.97 4.79
N ASP A 9 -5.69 2.92 4.38
CA ASP A 9 -6.97 2.56 4.99
C ASP A 9 -7.51 1.26 4.38
N LYS A 10 -8.17 0.46 5.21
CA LYS A 10 -8.73 -0.81 4.75
C LYS A 10 -7.63 -1.72 4.22
N LEU A 1 12.52 -5.09 -1.10
CA LEU A 1 11.94 -5.46 -2.42
C LEU A 1 11.42 -4.20 -3.11
N GLY A 2 10.35 -3.63 -2.55
CA GLY A 2 9.75 -2.42 -3.11
C GLY A 2 8.32 -2.24 -2.61
N ALA A 3 7.64 -3.37 -2.42
CA ALA A 3 6.25 -3.34 -1.94
C ALA A 3 5.37 -2.60 -2.92
N SER A 4 4.07 -2.54 -2.61
CA SER A 4 3.12 -1.85 -3.48
C SER A 4 2.17 -0.99 -2.65
N TRP A 5 1.70 0.08 -3.26
CA TRP A 5 0.80 1.00 -2.57
C TRP A 5 -0.64 0.79 -3.01
N HIS A 6 -1.56 1.12 -2.11
CA HIS A 6 -2.98 0.98 -2.39
C HIS A 6 -3.74 2.15 -1.76
N ARG A 7 -3.50 2.35 -0.46
CA ARG A 7 -4.15 3.43 0.29
C ARG A 7 -3.88 3.25 1.79
N PRO A 8 -3.91 4.35 2.58
CA PRO A 8 -3.66 4.27 4.02
C PRO A 8 -4.91 3.88 4.81
N ASP A 9 -5.47 2.74 4.45
CA ASP A 9 -6.67 2.23 5.11
C ASP A 9 -6.29 1.50 6.39
N LYS A 10 -6.80 1.99 7.52
CA LYS A 10 -6.51 1.38 8.80
C LYS A 10 -7.40 0.15 9.02
N LEU A 1 9.51 -9.19 -0.80
CA LEU A 1 9.69 -8.64 -2.17
C LEU A 1 8.33 -8.35 -2.78
N GLY A 2 8.30 -7.42 -3.74
CA GLY A 2 7.05 -7.05 -4.39
C GLY A 2 6.37 -5.92 -3.66
N ALA A 3 5.16 -6.21 -3.14
CA ALA A 3 4.39 -5.21 -2.42
C ALA A 3 4.08 -4.01 -3.31
N SER A 4 3.15 -3.17 -2.86
CA SER A 4 2.76 -2.00 -3.62
C SER A 4 1.70 -1.20 -2.87
N TRP A 5 1.71 0.10 -3.11
CA TRP A 5 0.79 1.00 -2.46
C TRP A 5 -0.63 0.77 -2.95
N HIS A 6 -1.59 1.20 -2.15
CA HIS A 6 -3.00 1.06 -2.47
C HIS A 6 -3.80 2.16 -1.80
N ARG A 7 -3.55 2.33 -0.50
CA ARG A 7 -4.24 3.36 0.28
C ARG A 7 -3.84 3.24 1.76
N PRO A 8 -3.96 4.34 2.53
CA PRO A 8 -3.60 4.33 3.95
C PRO A 8 -4.71 3.78 4.84
N ASP A 9 -5.13 2.57 4.53
CA ASP A 9 -6.20 1.92 5.30
C ASP A 9 -5.72 0.57 5.82
N LYS A 10 -5.40 0.54 7.12
CA LYS A 10 -4.92 -0.70 7.74
C LYS A 10 -5.98 -1.23 8.71
N LEU A 1 10.94 -1.66 -5.94
CA LEU A 1 10.79 -0.35 -5.25
C LEU A 1 10.00 -0.53 -3.96
N GLY A 2 10.62 -1.19 -2.98
CA GLY A 2 9.98 -1.43 -1.69
C GLY A 2 8.71 -2.26 -1.87
N ALA A 3 7.64 -1.84 -1.20
CA ALA A 3 6.36 -2.55 -1.28
C ALA A 3 5.42 -1.84 -2.24
N SER A 4 4.21 -2.38 -2.36
CA SER A 4 3.22 -1.79 -3.25
C SER A 4 2.23 -0.96 -2.47
N TRP A 5 1.74 0.11 -3.09
CA TRP A 5 0.78 0.99 -2.44
C TRP A 5 -0.64 0.76 -2.96
N HIS A 6 -1.60 1.19 -2.14
CA HIS A 6 -3.02 1.05 -2.49
C HIS A 6 -3.81 2.17 -1.80
N ARG A 7 -3.56 2.32 -0.51
CA ARG A 7 -4.24 3.36 0.28
C ARG A 7 -3.82 3.27 1.75
N PRO A 8 -3.99 4.36 2.53
CA PRO A 8 -3.61 4.36 3.95
C PRO A 8 -4.68 3.73 4.84
N ASP A 9 -5.01 2.47 4.52
CA ASP A 9 -6.02 1.71 5.27
C ASP A 9 -7.27 2.56 5.60
N LYS A 10 -8.15 2.00 6.44
CA LYS A 10 -9.37 2.71 6.81
C LYS A 10 -10.25 2.94 5.59
N LEU A 1 8.71 -11.18 -3.71
CA LEU A 1 7.85 -9.99 -3.97
C LEU A 1 8.24 -8.85 -3.03
N GLY A 2 7.67 -7.68 -3.27
CA GLY A 2 7.95 -6.51 -2.44
C GLY A 2 6.67 -5.96 -1.82
N ALA A 3 6.06 -5.00 -2.52
CA ALA A 3 4.82 -4.40 -2.03
C ALA A 3 4.28 -3.40 -3.06
N SER A 4 3.00 -3.06 -2.90
CA SER A 4 2.35 -2.12 -3.81
C SER A 4 1.57 -1.08 -3.01
N TRP A 5 1.40 0.09 -3.61
CA TRP A 5 0.68 1.18 -2.95
C TRP A 5 -0.82 0.99 -3.10
N HIS A 6 -1.50 0.87 -1.97
CA HIS A 6 -2.95 0.68 -1.95
C HIS A 6 -3.67 1.84 -1.26
N ARG A 7 -2.93 2.61 -0.45
CA ARG A 7 -3.45 3.76 0.31
C ARG A 7 -3.84 3.35 1.72
N PRO A 8 -3.71 4.24 2.72
CA PRO A 8 -4.07 3.93 4.11
C PRO A 8 -5.57 4.11 4.38
N ASP A 9 -6.39 3.55 3.51
CA ASP A 9 -7.83 3.65 3.66
C ASP A 9 -8.43 2.32 4.09
N LYS A 10 -9.04 2.32 5.27
CA LYS A 10 -9.65 1.10 5.79
C LYS A 10 -10.82 0.66 4.91
N LEU A 1 12.79 -4.21 -1.47
CA LEU A 1 12.61 -2.93 -2.21
C LEU A 1 11.48 -3.07 -3.23
N GLY A 2 10.48 -3.88 -2.88
CA GLY A 2 9.36 -4.11 -3.76
C GLY A 2 8.07 -3.55 -3.17
N ALA A 3 7.17 -4.45 -2.76
CA ALA A 3 5.91 -4.04 -2.16
C ALA A 3 5.10 -3.20 -3.16
N SER A 4 3.96 -2.70 -2.69
CA SER A 4 3.10 -1.88 -3.54
C SER A 4 2.18 -1.01 -2.70
N TRP A 5 1.70 0.08 -3.29
CA TRP A 5 0.82 0.99 -2.60
C TRP A 5 -0.63 0.78 -3.02
N HIS A 6 -1.54 1.12 -2.12
CA HIS A 6 -2.97 0.99 -2.39
C HIS A 6 -3.73 2.16 -1.75
N ARG A 7 -3.51 2.34 -0.44
CA ARG A 7 -4.16 3.41 0.30
C ARG A 7 -3.89 3.25 1.81
N PRO A 8 -3.92 4.35 2.58
CA PRO A 8 -3.68 4.28 4.03
C PRO A 8 -4.92 3.92 4.82
N ASP A 9 -5.51 2.78 4.46
CA ASP A 9 -6.72 2.32 5.14
C ASP A 9 -6.38 1.73 6.51
N LYS A 10 -6.28 2.60 7.50
CA LYS A 10 -5.96 2.17 8.85
C LYS A 10 -7.16 2.31 9.77
N LEU A 1 11.92 -2.93 -2.29
CA LEU A 1 12.06 -4.34 -1.79
C LEU A 1 11.19 -4.53 -0.55
N GLY A 2 9.89 -4.25 -0.71
CA GLY A 2 8.96 -4.39 0.41
C GLY A 2 7.57 -4.77 -0.11
N ALA A 3 6.76 -3.75 -0.40
CA ALA A 3 5.41 -3.99 -0.89
C ALA A 3 4.98 -2.85 -1.83
N SER A 4 3.70 -2.85 -2.17
CA SER A 4 3.16 -1.82 -3.05
C SER A 4 2.10 -1.00 -2.31
N TRP A 5 1.73 0.12 -2.91
CA TRP A 5 0.76 1.01 -2.32
C TRP A 5 -0.65 0.69 -2.83
N HIS A 6 -1.63 1.35 -2.22
CA HIS A 6 -3.02 1.17 -2.60
C HIS A 6 -3.90 2.16 -1.85
N ARG A 7 -3.60 2.31 -0.56
CA ARG A 7 -4.36 3.24 0.28
C ARG A 7 -3.81 3.21 1.72
N PRO A 8 -4.01 4.30 2.49
CA PRO A 8 -3.52 4.38 3.87
C PRO A 8 -4.46 3.71 4.86
N ASP A 9 -4.73 2.44 4.62
CA ASP A 9 -5.62 1.67 5.49
C ASP A 9 -5.08 0.26 5.68
N LYS A 10 -4.87 -0.11 6.94
CA LYS A 10 -4.37 -1.45 7.26
C LYS A 10 -2.98 -1.64 6.65
N LEU A 1 10.04 -5.67 -6.97
CA LEU A 1 8.76 -5.32 -6.28
C LEU A 1 8.93 -5.56 -4.77
N GLY A 2 9.07 -4.46 -4.03
CA GLY A 2 9.24 -4.56 -2.58
C GLY A 2 7.97 -4.14 -1.85
N ALA A 3 7.68 -2.84 -1.87
CA ALA A 3 6.50 -2.32 -1.20
C ALA A 3 5.52 -1.74 -2.22
N SER A 4 4.29 -2.24 -2.18
CA SER A 4 3.26 -1.77 -3.10
C SER A 4 2.25 -0.90 -2.36
N TRP A 5 1.73 0.11 -3.05
CA TRP A 5 0.77 1.01 -2.45
C TRP A 5 -0.65 0.71 -2.92
N HIS A 6 -1.61 1.25 -2.17
CA HIS A 6 -3.02 1.06 -2.49
C HIS A 6 -3.83 2.15 -1.81
N ARG A 7 -3.55 2.34 -0.52
CA ARG A 7 -4.25 3.35 0.27
C ARG A 7 -3.82 3.26 1.74
N PRO A 8 -3.97 4.35 2.52
CA PRO A 8 -3.59 4.34 3.94
C PRO A 8 -4.66 3.72 4.84
N ASP A 9 -5.02 2.48 4.52
CA ASP A 9 -6.03 1.77 5.28
C ASP A 9 -5.42 0.55 5.97
N LYS A 10 -5.35 0.61 7.30
CA LYS A 10 -4.78 -0.49 8.07
C LYS A 10 -5.64 -0.77 9.30
N LEU A 1 6.37 -8.49 -8.06
CA LEU A 1 5.64 -7.46 -7.28
C LEU A 1 5.20 -8.05 -5.95
N GLY A 2 5.18 -7.21 -4.92
CA GLY A 2 4.77 -7.66 -3.59
C GLY A 2 4.24 -6.49 -2.76
N ALA A 3 5.13 -5.58 -2.41
CA ALA A 3 4.76 -4.41 -1.62
C ALA A 3 4.40 -3.24 -2.53
N SER A 4 3.10 -3.11 -2.83
CA SER A 4 2.64 -2.02 -3.68
C SER A 4 1.58 -1.21 -2.97
N TRP A 5 1.70 0.10 -3.09
CA TRP A 5 0.78 1.01 -2.46
C TRP A 5 -0.64 0.81 -2.98
N HIS A 6 -1.60 1.15 -2.13
CA HIS A 6 -3.00 1.04 -2.47
C HIS A 6 -3.79 2.16 -1.80
N ARG A 7 -3.55 2.32 -0.49
CA ARG A 7 -4.22 3.36 0.27
C ARG A 7 -3.83 3.25 1.76
N PRO A 8 -3.95 4.34 2.53
CA PRO A 8 -3.60 4.33 3.96
C PRO A 8 -4.72 3.78 4.83
N ASP A 9 -5.13 2.55 4.52
CA ASP A 9 -6.20 1.90 5.27
C ASP A 9 -5.62 0.79 6.16
N LYS A 10 -6.48 0.23 7.01
CA LYS A 10 -6.05 -0.84 7.91
C LYS A 10 -7.11 -1.93 7.98
N LEU A 1 1.10 -8.37 1.09
CA LEU A 1 1.67 -7.30 1.97
C LEU A 1 3.19 -7.28 1.82
N GLY A 2 3.75 -6.08 1.88
CA GLY A 2 5.20 -5.92 1.74
C GLY A 2 5.53 -4.75 0.82
N ALA A 3 4.93 -4.75 -0.36
CA ALA A 3 5.17 -3.68 -1.32
C ALA A 3 3.85 -3.24 -1.97
N SER A 4 3.96 -2.48 -3.07
CA SER A 4 2.80 -1.99 -3.78
C SER A 4 1.98 -1.05 -2.91
N TRP A 5 1.60 0.07 -3.50
CA TRP A 5 0.82 1.06 -2.78
C TRP A 5 -0.67 0.93 -3.10
N HIS A 6 -1.48 0.95 -2.06
CA HIS A 6 -2.93 0.85 -2.22
C HIS A 6 -3.59 2.12 -1.68
N ARG A 7 -3.40 2.34 -0.38
CA ARG A 7 -3.93 3.53 0.32
C ARG A 7 -3.98 3.25 1.83
N PRO A 8 -3.78 4.28 2.67
CA PRO A 8 -3.82 4.10 4.13
C PRO A 8 -5.23 4.21 4.70
N ASP A 9 -6.14 3.41 4.13
CA ASP A 9 -7.53 3.41 4.58
C ASP A 9 -8.35 2.45 3.73
N LYS A 10 -9.67 2.45 3.94
CA LYS A 10 -10.56 1.58 3.19
C LYS A 10 -10.20 0.11 3.43
N LEU A 1 2.41 -4.17 4.48
CA LEU A 1 1.32 -3.51 3.69
C LEU A 1 1.93 -2.72 2.54
N GLY A 2 2.09 -3.39 1.40
CA GLY A 2 2.65 -2.74 0.23
C GLY A 2 1.73 -2.87 -0.98
N ALA A 3 2.00 -3.86 -1.82
CA ALA A 3 1.18 -4.09 -3.01
C ALA A 3 1.23 -2.88 -3.93
N SER A 4 2.41 -2.29 -4.04
CA SER A 4 2.61 -1.11 -4.89
C SER A 4 1.71 0.03 -4.43
N TRP A 5 1.54 0.12 -3.13
CA TRP A 5 0.73 1.17 -2.54
C TRP A 5 -0.71 1.10 -3.01
N HIS A 6 -1.60 0.90 -2.07
CA HIS A 6 -3.03 0.84 -2.35
C HIS A 6 -3.71 2.07 -1.77
N ARG A 7 -3.41 2.33 -0.50
CA ARG A 7 -3.95 3.48 0.24
C ARG A 7 -3.87 3.22 1.75
N PRO A 8 -3.74 4.29 2.57
CA PRO A 8 -3.65 4.13 4.03
C PRO A 8 -5.01 4.01 4.70
N ASP A 9 -5.79 3.05 4.22
CA ASP A 9 -7.14 2.82 4.77
C ASP A 9 -8.00 4.06 4.61
N LYS A 10 -8.54 4.25 3.40
CA LYS A 10 -9.39 5.41 3.13
C LYS A 10 -10.85 5.06 3.36
N LEU A 1 10.96 -5.45 1.32
CA LEU A 1 10.27 -5.09 2.58
C LEU A 1 9.47 -3.81 2.37
N GLY A 2 8.14 -3.96 2.37
CA GLY A 2 7.26 -2.81 2.18
C GLY A 2 6.89 -2.65 0.70
N ALA A 3 6.98 -1.41 0.22
CA ALA A 3 6.66 -1.12 -1.17
C ALA A 3 5.21 -1.48 -1.47
N SER A 4 4.81 -1.27 -2.72
CA SER A 4 3.44 -1.57 -3.14
C SER A 4 2.46 -0.70 -2.38
N TRP A 5 1.74 0.14 -3.12
CA TRP A 5 0.77 1.03 -2.52
C TRP A 5 -0.65 0.73 -2.96
N HIS A 6 -1.60 1.19 -2.15
CA HIS A 6 -3.01 0.99 -2.43
C HIS A 6 -3.80 2.13 -1.78
N ARG A 7 -3.52 2.35 -0.50
CA ARG A 7 -4.17 3.42 0.27
C ARG A 7 -3.86 3.23 1.76
N PRO A 8 -3.88 4.33 2.55
CA PRO A 8 -3.60 4.26 3.99
C PRO A 8 -4.82 3.85 4.81
N ASP A 9 -5.39 2.70 4.46
CA ASP A 9 -6.57 2.20 5.16
C ASP A 9 -6.16 1.21 6.24
N LYS A 10 -7.14 0.78 7.04
CA LYS A 10 -6.87 -0.17 8.11
C LYS A 10 -7.52 -1.52 7.81
N LEU A 1 7.01 -5.85 -5.84
CA LEU A 1 5.61 -6.35 -5.90
C LEU A 1 5.12 -6.67 -4.48
N GLY A 2 6.05 -7.12 -3.64
CA GLY A 2 5.71 -7.45 -2.26
C GLY A 2 5.16 -6.24 -1.52
N ALA A 3 5.76 -5.08 -1.78
CA ALA A 3 5.33 -3.85 -1.14
C ALA A 3 4.80 -2.86 -2.17
N SER A 4 3.49 -2.87 -2.36
CA SER A 4 2.86 -1.96 -3.32
C SER A 4 1.76 -1.16 -2.65
N TRP A 5 1.74 0.13 -2.95
CA TRP A 5 0.76 1.03 -2.38
C TRP A 5 -0.64 0.71 -2.88
N HIS A 6 -1.62 1.30 -2.20
CA HIS A 6 -3.02 1.11 -2.55
C HIS A 6 -3.86 2.15 -1.84
N ARG A 7 -3.59 2.33 -0.55
CA ARG A 7 -4.31 3.30 0.27
C ARG A 7 -3.84 3.20 1.73
N PRO A 8 -3.95 4.30 2.50
CA PRO A 8 -3.51 4.31 3.91
C PRO A 8 -4.58 3.81 4.87
N ASP A 9 -5.15 2.65 4.55
CA ASP A 9 -6.19 2.05 5.39
C ASP A 9 -7.38 2.99 5.52
N LYS A 10 -8.53 2.43 5.91
CA LYS A 10 -9.75 3.22 6.08
C LYS A 10 -10.86 2.36 6.66
N LEU A 1 3.19 -2.26 4.41
CA LEU A 1 4.16 -2.91 5.35
C LEU A 1 5.49 -3.20 4.63
N GLY A 2 5.78 -2.44 3.58
CA GLY A 2 7.02 -2.64 2.84
C GLY A 2 6.95 -1.94 1.49
N ALA A 3 6.31 -2.59 0.53
CA ALA A 3 6.18 -2.01 -0.81
C ALA A 3 4.74 -2.11 -1.29
N SER A 4 4.52 -1.72 -2.54
CA SER A 4 3.19 -1.76 -3.14
C SER A 4 2.24 -0.83 -2.40
N TRP A 5 1.67 0.11 -3.14
CA TRP A 5 0.76 1.06 -2.54
C TRP A 5 -0.67 0.86 -3.02
N HIS A 6 -1.60 1.06 -2.09
CA HIS A 6 -3.02 0.93 -2.37
C HIS A 6 -3.75 2.13 -1.77
N ARG A 7 -3.49 2.35 -0.48
CA ARG A 7 -4.09 3.46 0.26
C ARG A 7 -3.83 3.27 1.76
N PRO A 8 -3.88 4.36 2.55
CA PRO A 8 -3.65 4.27 4.00
C PRO A 8 -4.88 3.78 4.76
N ASP A 9 -5.36 2.61 4.37
CA ASP A 9 -6.53 2.01 5.00
C ASP A 9 -6.75 0.60 4.46
N LYS A 10 -7.73 -0.10 5.03
CA LYS A 10 -8.02 -1.46 4.59
C LYS A 10 -9.41 -1.88 5.06
N LEU A 1 9.81 -3.15 -7.30
CA LEU A 1 10.35 -4.41 -6.71
C LEU A 1 9.32 -5.05 -5.79
N GLY A 2 8.26 -5.58 -6.40
CA GLY A 2 7.20 -6.23 -5.63
C GLY A 2 6.42 -5.21 -4.81
N ALA A 3 5.32 -5.66 -4.21
CA ALA A 3 4.48 -4.78 -3.39
C ALA A 3 3.91 -3.64 -4.22
N SER A 4 2.76 -3.14 -3.80
CA SER A 4 2.11 -2.04 -4.51
C SER A 4 1.35 -1.14 -3.53
N TRP A 5 1.34 0.14 -3.85
CA TRP A 5 0.67 1.11 -3.01
C TRP A 5 -0.85 0.94 -3.08
N HIS A 6 -1.47 0.85 -1.92
CA HIS A 6 -2.92 0.66 -1.83
C HIS A 6 -3.61 1.84 -1.12
N ARG A 7 -2.81 2.66 -0.41
CA ARG A 7 -3.32 3.82 0.34
C ARG A 7 -3.83 3.38 1.71
N PRO A 8 -3.72 4.23 2.74
CA PRO A 8 -4.19 3.90 4.09
C PRO A 8 -5.70 4.13 4.26
N ASP A 9 -6.47 3.56 3.34
CA ASP A 9 -7.93 3.69 3.38
C ASP A 9 -8.34 5.14 3.11
N LYS A 10 -9.39 5.30 2.29
CA LYS A 10 -9.88 6.63 1.96
C LYS A 10 -10.77 7.16 3.08
N LEU A 1 8.92 1.81 -3.77
CA LEU A 1 9.94 1.66 -2.69
C LEU A 1 9.24 1.23 -1.40
N GLY A 2 9.27 -0.08 -1.14
CA GLY A 2 8.64 -0.62 0.06
C GLY A 2 7.28 -1.21 -0.27
N ALA A 3 7.28 -2.40 -0.88
CA ALA A 3 6.04 -3.07 -1.23
C ALA A 3 5.22 -2.21 -2.21
N SER A 4 3.97 -2.60 -2.44
CA SER A 4 3.11 -1.86 -3.34
C SER A 4 2.14 -0.99 -2.54
N TRP A 5 1.70 0.09 -3.16
CA TRP A 5 0.79 1.01 -2.50
C TRP A 5 -0.63 0.83 -3.00
N HIS A 6 -1.58 1.12 -2.12
CA HIS A 6 -3.00 1.01 -2.44
C HIS A 6 -3.77 2.15 -1.79
N ARG A 7 -3.53 2.32 -0.49
CA ARG A 7 -4.19 3.39 0.28
C ARG A 7 -3.85 3.25 1.77
N PRO A 8 -3.92 4.34 2.55
CA PRO A 8 -3.62 4.30 3.99
C PRO A 8 -4.80 3.83 4.82
N ASP A 9 -5.31 2.67 4.49
CA ASP A 9 -6.45 2.10 5.21
C ASP A 9 -6.18 0.64 5.56
N LYS A 10 -7.15 0.03 6.26
CA LYS A 10 -7.01 -1.38 6.65
C LYS A 10 -7.39 -2.30 5.50
N LEU A 1 13.60 -5.41 -4.26
CA LEU A 1 12.18 -5.20 -4.65
C LEU A 1 11.27 -5.77 -3.56
N GLY A 2 10.19 -5.03 -3.27
CA GLY A 2 9.24 -5.46 -2.24
C GLY A 2 8.52 -4.26 -1.64
N ALA A 3 7.51 -3.77 -2.36
CA ALA A 3 6.74 -2.62 -1.90
C ALA A 3 5.61 -2.31 -2.87
N SER A 4 4.42 -2.06 -2.32
CA SER A 4 3.26 -1.75 -3.16
C SER A 4 2.28 -0.88 -2.38
N TRP A 5 1.72 0.10 -3.08
CA TRP A 5 0.78 1.01 -2.45
C TRP A 5 -0.64 0.79 -2.96
N HIS A 6 -1.60 1.17 -2.14
CA HIS A 6 -3.02 1.04 -2.48
C HIS A 6 -3.80 2.16 -1.80
N ARG A 7 -3.56 2.33 -0.51
CA ARG A 7 -4.23 3.37 0.28
C ARG A 7 -3.83 3.24 1.75
N PRO A 8 -3.94 4.33 2.53
CA PRO A 8 -3.59 4.32 3.96
C PRO A 8 -4.71 3.79 4.84
N ASP A 9 -5.15 2.59 4.53
CA ASP A 9 -6.23 1.95 5.28
C ASP A 9 -5.99 0.45 5.41
N LYS A 10 -5.95 -0.03 6.66
CA LYS A 10 -5.72 -1.44 6.91
C LYS A 10 -4.37 -1.89 6.36
N LEU A 1 8.33 -4.64 -10.94
CA LEU A 1 7.70 -4.69 -9.58
C LEU A 1 8.69 -4.15 -8.55
N GLY A 2 8.46 -2.91 -8.12
CA GLY A 2 9.33 -2.28 -7.14
C GLY A 2 8.54 -1.83 -5.91
N ALA A 3 8.12 -0.58 -5.90
CA ALA A 3 7.35 -0.04 -4.78
C ALA A 3 6.00 -0.74 -4.69
N SER A 4 5.21 -0.34 -3.70
CA SER A 4 3.88 -0.94 -3.51
C SER A 4 2.97 0.02 -2.74
N TRP A 5 1.73 0.13 -3.21
CA TRP A 5 0.78 1.01 -2.57
C TRP A 5 -0.66 0.69 -2.97
N HIS A 6 -1.58 1.18 -2.16
CA HIS A 6 -3.01 0.98 -2.40
C HIS A 6 -3.78 2.12 -1.76
N ARG A 7 -3.48 2.36 -0.48
CA ARG A 7 -4.12 3.44 0.29
C ARG A 7 -3.86 3.25 1.79
N PRO A 8 -3.89 4.34 2.57
CA PRO A 8 -3.65 4.25 4.02
C PRO A 8 -4.90 3.87 4.79
N ASP A 9 -5.46 2.71 4.43
CA ASP A 9 -6.67 2.21 5.07
C ASP A 9 -7.84 3.14 4.80
N LYS A 10 -9.01 2.53 4.52
CA LYS A 10 -10.20 3.31 4.24
C LYS A 10 -10.59 4.15 5.46
N LEU A 1 7.29 -4.78 -4.38
CA LEU A 1 8.08 -5.29 -3.22
C LEU A 1 7.16 -5.43 -2.01
N GLY A 2 6.22 -6.36 -2.10
CA GLY A 2 5.27 -6.59 -1.00
C GLY A 2 3.95 -5.87 -1.27
N ALA A 3 4.05 -4.66 -1.81
CA ALA A 3 2.86 -3.88 -2.11
C ALA A 3 3.24 -2.62 -2.90
N SER A 4 2.42 -2.28 -3.89
CA SER A 4 2.68 -1.10 -4.71
C SER A 4 1.78 0.04 -4.29
N TRP A 5 1.54 0.13 -2.99
CA TRP A 5 0.71 1.18 -2.44
C TRP A 5 -0.71 1.12 -2.98
N HIS A 6 -1.64 0.91 -2.07
CA HIS A 6 -3.06 0.87 -2.42
C HIS A 6 -3.76 2.07 -1.81
N ARG A 7 -3.45 2.32 -0.53
CA ARG A 7 -4.01 3.44 0.22
C ARG A 7 -3.82 3.22 1.73
N PRO A 8 -3.76 4.29 2.53
CA PRO A 8 -3.58 4.17 3.99
C PRO A 8 -4.89 3.91 4.73
N ASP A 9 -5.56 2.85 4.32
CA ASP A 9 -6.84 2.48 4.93
C ASP A 9 -6.62 2.03 6.38
N LYS A 10 -7.71 1.87 7.10
CA LYS A 10 -7.65 1.44 8.50
C LYS A 10 -8.15 0.01 8.65
N LEU A 1 6.88 -6.21 -7.71
CA LEU A 1 7.38 -7.48 -7.14
C LEU A 1 7.97 -7.22 -5.74
N GLY A 2 7.19 -7.58 -4.72
CA GLY A 2 7.62 -7.37 -3.35
C GLY A 2 6.60 -6.56 -2.57
N ALA A 3 6.54 -5.26 -2.86
CA ALA A 3 5.60 -4.38 -2.19
C ALA A 3 4.79 -3.58 -3.20
N SER A 4 3.88 -2.75 -2.70
CA SER A 4 3.04 -1.93 -3.58
C SER A 4 2.12 -1.05 -2.74
N TRP A 5 1.70 0.06 -3.34
CA TRP A 5 0.83 0.99 -2.66
C TRP A 5 -0.63 0.75 -3.04
N HIS A 6 -1.52 1.14 -2.13
CA HIS A 6 -2.95 0.98 -2.35
C HIS A 6 -3.68 2.17 -1.74
N ARG A 7 -3.51 2.33 -0.42
CA ARG A 7 -4.14 3.43 0.31
C ARG A 7 -3.91 3.25 1.83
N PRO A 8 -3.91 4.35 2.60
CA PRO A 8 -3.70 4.27 4.06
C PRO A 8 -4.98 3.94 4.81
N ASP A 9 -5.58 2.82 4.45
CA ASP A 9 -6.82 2.39 5.09
C ASP A 9 -6.63 1.02 5.74
N LYS A 10 -7.49 0.71 6.71
CA LYS A 10 -7.40 -0.56 7.42
C LYS A 10 -8.67 -1.38 7.18
N LEU A 1 6.68 -9.88 -6.71
CA LEU A 1 6.92 -8.47 -6.27
C LEU A 1 5.58 -7.75 -6.12
N GLY A 2 5.53 -6.80 -5.20
CA GLY A 2 4.31 -6.04 -4.96
C GLY A 2 4.59 -4.83 -4.06
N ALA A 3 3.68 -4.59 -3.12
CA ALA A 3 3.84 -3.47 -2.20
C ALA A 3 3.87 -2.15 -2.97
N SER A 4 3.00 -2.03 -3.96
CA SER A 4 2.93 -0.82 -4.76
C SER A 4 1.83 0.10 -4.27
N TRP A 5 1.73 0.22 -2.95
CA TRP A 5 0.72 1.08 -2.36
C TRP A 5 -0.67 0.56 -2.70
N HIS A 6 -1.66 1.36 -2.30
CA HIS A 6 -3.06 1.04 -2.53
C HIS A 6 -3.92 2.09 -1.83
N ARG A 7 -3.53 2.39 -0.59
CA ARG A 7 -4.22 3.39 0.24
C ARG A 7 -3.80 3.23 1.70
N PRO A 8 -3.88 4.32 2.51
CA PRO A 8 -3.51 4.25 3.93
C PRO A 8 -4.63 3.73 4.81
N ASP A 9 -5.10 2.53 4.48
CA ASP A 9 -6.17 1.90 5.23
C ASP A 9 -6.27 0.42 4.87
N LYS A 10 -7.29 -0.25 5.40
CA LYS A 10 -7.49 -1.67 5.14
C LYS A 10 -6.29 -2.49 5.62
N LEU A 1 8.63 0.62 -13.42
CA LEU A 1 8.40 1.20 -12.06
C LEU A 1 7.02 0.80 -11.57
N GLY A 2 6.78 1.03 -10.28
CA GLY A 2 5.49 0.69 -9.68
C GLY A 2 5.64 0.35 -8.20
N ALA A 3 5.88 1.38 -7.40
CA ALA A 3 6.05 1.18 -5.96
C ALA A 3 4.78 0.59 -5.35
N SER A 4 4.95 -0.26 -4.35
CA SER A 4 3.81 -0.90 -3.69
C SER A 4 2.97 0.14 -2.96
N TRP A 5 1.67 0.13 -3.24
CA TRP A 5 0.76 1.06 -2.62
C TRP A 5 -0.67 0.82 -3.04
N HIS A 6 -1.58 1.06 -2.09
CA HIS A 6 -3.00 0.90 -2.33
C HIS A 6 -3.74 2.10 -1.74
N ARG A 7 -3.43 2.37 -0.47
CA ARG A 7 -4.03 3.49 0.27
C ARG A 7 -3.88 3.25 1.78
N PRO A 8 -3.83 4.33 2.59
CA PRO A 8 -3.69 4.19 4.05
C PRO A 8 -5.02 3.95 4.75
N ASP A 9 -5.71 2.90 4.31
CA ASP A 9 -7.00 2.54 4.88
C ASP A 9 -7.12 1.03 5.02
N LYS A 10 -7.84 0.60 6.06
CA LYS A 10 -8.02 -0.82 6.30
C LYS A 10 -8.80 -1.47 5.16
N LEU A 1 8.09 4.33 4.76
CA LEU A 1 8.67 3.53 3.65
C LEU A 1 7.76 3.59 2.43
N GLY A 2 8.19 2.95 1.35
CA GLY A 2 7.40 2.94 0.12
C GLY A 2 6.61 1.66 -0.01
N ALA A 3 7.23 0.63 -0.59
CA ALA A 3 6.56 -0.66 -0.76
C ALA A 3 5.32 -0.51 -1.65
N SER A 4 4.61 -1.62 -1.87
CA SER A 4 3.41 -1.59 -2.69
C SER A 4 2.35 -0.71 -2.02
N TRP A 5 1.75 0.15 -2.83
CA TRP A 5 0.73 1.06 -2.33
C TRP A 5 -0.67 0.66 -2.80
N HIS A 6 -1.65 1.36 -2.25
CA HIS A 6 -3.04 1.11 -2.59
C HIS A 6 -3.92 2.14 -1.85
N ARG A 7 -3.58 2.34 -0.58
CA ARG A 7 -4.32 3.30 0.25
C ARG A 7 -3.81 3.21 1.71
N PRO A 8 -3.94 4.29 2.48
CA PRO A 8 -3.48 4.31 3.88
C PRO A 8 -4.50 3.72 4.84
N ASP A 9 -4.87 2.47 4.57
CA ASP A 9 -5.84 1.77 5.41
C ASP A 9 -5.11 0.77 6.32
N LYS A 10 -4.02 1.23 6.92
CA LYS A 10 -3.24 0.39 7.82
C LYS A 10 -2.70 -0.84 7.07
N LEU A 1 13.76 -3.77 -5.33
CA LEU A 1 13.22 -2.41 -5.06
C LEU A 1 11.79 -2.31 -5.59
N GLY A 2 10.84 -2.71 -4.76
CA GLY A 2 9.43 -2.67 -5.15
C GLY A 2 8.57 -2.14 -4.01
N ALA A 3 7.96 -0.97 -4.24
CA ALA A 3 7.10 -0.36 -3.23
C ALA A 3 5.65 -0.37 -3.70
N SER A 4 4.91 -1.40 -3.31
CA SER A 4 3.52 -1.54 -3.70
C SER A 4 2.64 -0.66 -2.82
N TRP A 5 1.74 0.08 -3.46
CA TRP A 5 0.84 0.97 -2.74
C TRP A 5 -0.62 0.58 -2.98
N HIS A 6 -1.49 1.22 -2.20
CA HIS A 6 -2.92 0.99 -2.31
C HIS A 6 -3.68 2.17 -1.71
N ARG A 7 -3.49 2.35 -0.40
CA ARG A 7 -4.13 3.45 0.33
C ARG A 7 -3.96 3.25 1.85
N PRO A 8 -3.90 4.34 2.63
CA PRO A 8 -3.74 4.25 4.09
C PRO A 8 -5.06 4.01 4.81
N ASP A 9 -5.75 2.94 4.42
CA ASP A 9 -7.02 2.59 5.02
C ASP A 9 -8.04 3.72 4.84
N LYS A 10 -8.02 4.32 3.64
CA LYS A 10 -8.93 5.42 3.35
C LYS A 10 -9.98 4.98 2.31
#